data_7BTV
#
_entry.id   7BTV
#
_cell.length_a   56.428
_cell.length_b   79.106
_cell.length_c   72.527
_cell.angle_alpha   90.000
_cell.angle_beta   91.800
_cell.angle_gamma   90.000
#
_symmetry.space_group_name_H-M   'P 1 21 1'
#
loop_
_entity.id
_entity.type
_entity.pdbx_description
1 polymer 'Histone-lysine N-methyltransferase EHMT2'
2 non-polymer 'ZINC ION'
3 non-polymer S-ADENOSYLMETHIONINE
4 non-polymer N~2~-{4-methoxy-3-[3-(pyrrolidin-1-yl)propoxy]phenyl}-N~4~,6-dimethylpyrimidine-2,4-diamine
5 water water
#
_entity_poly.entity_id   1
_entity_poly.type   'polypeptide(L)'
_entity_poly.pdbx_seq_one_letter_code
;GSNRAIRTEKIICRDVARGYENVPIPCVNGVDGEPCPEDYKYISENCETSTMNIDRNITHLQHCTCVDDCSSSNCLCGQL
SIRCWYDKDGRLLQEFNKIEPPLIFECNQACSCWRNCKNRVVQSGIKVRLQLYRTAKMGWGVRALQTIPQGTFICEYVGE
LISDAEADVREDDSYLFDLDNKDGEVYCIDARYYGNISRFINHLCDPNIIPVRVFMLHQDLRFPRIAFFSSRDIRTGEEL
GFDYGDRFWDIKSKYFTCQCGSEKCKHSAEAIALEQSRLARLD
;
_entity_poly.pdbx_strand_id   A,B
#
loop_
_chem_comp.id
_chem_comp.type
_chem_comp.name
_chem_comp.formula
N47 non-polymer N~2~-{4-methoxy-3-[3-(pyrrolidin-1-yl)propoxy]phenyl}-N~4~,6-dimethylpyrimidine-2,4-diamine 'C20 H29 N5 O2'
SAM non-polymer S-ADENOSYLMETHIONINE 'C15 H22 N6 O5 S'
ZN non-polymer 'ZINC ION' 'Zn 2'
#
# COMPACT_ATOMS: atom_id res chain seq x y z
N THR A 8 -35.18 -18.84 -4.80
CA THR A 8 -33.83 -19.48 -4.88
C THR A 8 -32.76 -18.40 -4.97
N GLU A 9 -31.51 -18.71 -4.57
CA GLU A 9 -30.53 -17.66 -4.32
C GLU A 9 -29.13 -18.04 -4.81
N LYS A 10 -28.73 -17.55 -5.99
CA LYS A 10 -27.50 -18.00 -6.64
C LYS A 10 -26.38 -16.96 -6.53
N ILE A 11 -25.14 -17.48 -6.54
CA ILE A 11 -23.89 -16.73 -6.48
C ILE A 11 -23.57 -16.20 -7.88
N ILE A 12 -23.73 -14.88 -8.09
CA ILE A 12 -23.54 -14.33 -9.41
C ILE A 12 -22.22 -13.54 -9.53
N CYS A 13 -21.42 -13.53 -8.46
CA CYS A 13 -20.02 -13.10 -8.52
C CYS A 13 -19.31 -13.75 -7.33
N ARG A 14 -18.21 -14.44 -7.61
CA ARG A 14 -17.38 -15.05 -6.57
C ARG A 14 -16.67 -13.97 -5.75
N ASP A 15 -16.23 -12.88 -6.40
CA ASP A 15 -15.52 -11.82 -5.67
C ASP A 15 -15.68 -10.46 -6.35
N VAL A 16 -16.50 -9.59 -5.75
CA VAL A 16 -16.74 -8.31 -6.41
C VAL A 16 -15.49 -7.45 -6.32
N ALA A 17 -14.55 -7.82 -5.45
CA ALA A 17 -13.35 -7.01 -5.24
C ALA A 17 -12.19 -7.48 -6.13
N ARG A 18 -12.43 -8.53 -6.93
CA ARG A 18 -11.46 -8.99 -7.91
C ARG A 18 -10.11 -9.27 -7.25
N GLY A 19 -10.15 -9.81 -6.02
CA GLY A 19 -8.97 -10.28 -5.31
C GLY A 19 -8.15 -9.13 -4.70
N TYR A 20 -8.75 -7.93 -4.64
CA TYR A 20 -8.09 -6.78 -4.07
C TYR A 20 -8.22 -6.75 -2.56
N GLU A 21 -9.12 -7.55 -1.97
CA GLU A 21 -9.25 -7.55 -0.51
C GLU A 21 -8.53 -8.76 0.05
N ASN A 22 -8.38 -8.84 1.40
CA ASN A 22 -7.72 -9.98 2.02
C ASN A 22 -8.57 -11.22 1.81
N VAL A 23 -9.88 -11.02 1.66
CA VAL A 23 -10.82 -12.13 1.50
C VAL A 23 -11.75 -11.78 0.34
N PRO A 24 -12.42 -12.80 -0.25
CA PRO A 24 -13.36 -12.56 -1.37
C PRO A 24 -14.68 -12.04 -0.81
N ILE A 25 -15.38 -11.26 -1.62
CA ILE A 25 -16.68 -10.75 -1.20
C ILE A 25 -17.67 -11.18 -2.28
N PRO A 26 -18.38 -12.33 -2.12
CA PRO A 26 -19.30 -12.80 -3.15
C PRO A 26 -20.58 -11.96 -3.23
N CYS A 27 -21.25 -12.02 -4.40
CA CYS A 27 -22.55 -11.39 -4.64
C CYS A 27 -23.61 -12.47 -4.89
N VAL A 28 -24.70 -12.44 -4.11
CA VAL A 28 -25.82 -13.33 -4.37
C VAL A 28 -27.09 -12.50 -4.61
N ASN A 29 -28.04 -13.08 -5.34
CA ASN A 29 -29.34 -12.46 -5.57
C ASN A 29 -30.43 -13.53 -5.49
N GLY A 30 -31.29 -13.45 -4.48
CA GLY A 30 -32.36 -14.41 -4.30
C GLY A 30 -33.70 -13.70 -4.27
N VAL A 31 -33.72 -12.49 -4.83
CA VAL A 31 -34.87 -11.63 -4.69
C VAL A 31 -35.40 -11.24 -6.09
N ASP A 32 -34.52 -11.11 -7.07
CA ASP A 32 -34.97 -10.60 -8.35
C ASP A 32 -33.93 -10.89 -9.43
N GLY A 33 -34.08 -10.24 -10.59
CA GLY A 33 -33.34 -10.66 -11.77
C GLY A 33 -32.17 -9.72 -12.07
N GLU A 34 -31.88 -8.81 -11.15
CA GLU A 34 -30.84 -7.80 -11.32
C GLU A 34 -29.47 -8.48 -11.37
N PRO A 35 -28.62 -8.19 -12.38
CA PRO A 35 -27.30 -8.81 -12.43
C PRO A 35 -26.37 -8.10 -11.45
N CYS A 36 -25.19 -8.67 -11.26
CA CYS A 36 -24.20 -8.14 -10.34
C CYS A 36 -23.85 -6.71 -10.74
N PRO A 37 -23.91 -5.70 -9.86
CA PRO A 37 -23.78 -4.30 -10.28
C PRO A 37 -22.38 -4.05 -10.85
N GLU A 38 -22.29 -3.19 -11.85
CA GLU A 38 -20.99 -2.93 -12.47
C GLU A 38 -20.90 -1.53 -13.02
N ASP A 39 -21.71 -0.61 -12.49
CA ASP A 39 -21.65 0.75 -12.97
C ASP A 39 -20.69 1.56 -12.09
N TYR A 40 -19.52 0.99 -11.80
CA TYR A 40 -18.52 1.66 -10.97
C TYR A 40 -17.25 0.83 -11.05
N LYS A 41 -16.14 1.41 -10.58
CA LYS A 41 -14.86 0.71 -10.59
C LYS A 41 -14.52 0.33 -9.16
N TYR A 42 -14.43 -0.97 -8.86
CA TYR A 42 -14.05 -1.39 -7.51
C TYR A 42 -12.59 -0.99 -7.26
N ILE A 43 -12.35 -0.18 -6.22
CA ILE A 43 -11.00 0.08 -5.73
C ILE A 43 -10.90 -0.30 -4.25
N SER A 44 -9.71 -0.75 -3.82
CA SER A 44 -9.57 -1.07 -2.41
C SER A 44 -9.02 0.08 -1.55
N GLU A 45 -8.41 1.09 -2.18
N GLU A 45 -8.40 1.09 -2.17
CA GLU A 45 -7.84 2.23 -1.50
CA GLU A 45 -7.87 2.22 -1.43
C GLU A 45 -8.38 3.51 -2.13
C GLU A 45 -8.29 3.51 -2.13
N ASN A 46 -8.41 4.60 -1.36
CA ASN A 46 -8.93 5.86 -1.86
C ASN A 46 -8.18 6.31 -3.13
N CYS A 47 -8.87 6.98 -4.05
CA CYS A 47 -8.20 7.42 -5.27
C CYS A 47 -8.43 8.92 -5.43
N GLU A 48 -7.66 9.52 -6.35
CA GLU A 48 -7.84 10.91 -6.74
C GLU A 48 -8.07 10.99 -8.25
N THR A 49 -8.89 11.99 -8.61
CA THR A 49 -8.98 12.45 -9.99
C THR A 49 -8.20 13.76 -10.04
N SER A 50 -8.87 14.89 -9.81
CA SER A 50 -8.14 16.14 -9.64
C SER A 50 -7.18 16.03 -8.45
N THR A 51 -6.10 16.81 -8.47
CA THR A 51 -5.05 16.74 -7.48
C THR A 51 -5.47 17.34 -6.12
N MET A 52 -5.10 16.63 -5.04
CA MET A 52 -5.51 16.95 -3.67
C MET A 52 -4.30 17.32 -2.82
N ASN A 53 -3.09 16.91 -3.25
CA ASN A 53 -1.85 17.26 -2.59
C ASN A 53 -1.79 16.74 -1.15
N ILE A 54 -2.16 15.48 -0.91
CA ILE A 54 -2.11 15.01 0.46
C ILE A 54 -0.71 15.22 1.04
N ASP A 55 -0.61 15.69 2.27
CA ASP A 55 0.68 15.80 2.93
C ASP A 55 1.26 14.40 3.23
N ARG A 56 2.27 13.96 2.47
CA ARG A 56 2.88 12.66 2.71
C ARG A 56 4.32 12.79 3.22
N ASN A 57 4.64 13.96 3.80
CA ASN A 57 5.99 14.17 4.32
C ASN A 57 6.18 13.27 5.53
N ILE A 58 7.10 12.28 5.44
CA ILE A 58 7.28 11.33 6.52
C ILE A 58 7.68 12.03 7.82
N THR A 59 8.33 13.20 7.71
CA THR A 59 8.80 13.87 8.91
C THR A 59 7.64 14.59 9.60
N HIS A 60 6.49 14.70 8.92
CA HIS A 60 5.38 15.35 9.60
C HIS A 60 4.56 14.33 10.36
N LEU A 61 5.01 13.07 10.44
CA LEU A 61 4.20 12.05 11.09
C LEU A 61 4.54 12.01 12.58
N GLN A 62 3.53 12.27 13.40
CA GLN A 62 3.66 11.91 14.80
C GLN A 62 3.74 10.40 14.91
N HIS A 63 4.68 9.89 15.71
CA HIS A 63 5.00 8.47 15.68
C HIS A 63 5.45 8.05 17.08
N CYS A 64 5.46 6.73 17.36
CA CYS A 64 5.86 6.27 18.69
C CYS A 64 7.30 5.73 18.68
N THR A 65 7.84 5.52 19.88
CA THR A 65 9.19 5.01 20.01
C THR A 65 9.17 3.65 20.70
N CYS A 66 7.99 3.02 20.78
CA CYS A 66 7.88 1.72 21.43
C CYS A 66 8.74 0.65 20.74
N VAL A 67 9.29 -0.26 21.55
CA VAL A 67 9.89 -1.47 21.00
C VAL A 67 9.17 -2.71 21.57
N ASP A 68 7.98 -2.51 22.14
CA ASP A 68 7.11 -3.63 22.46
C ASP A 68 6.07 -3.77 21.33
N ASP A 69 4.87 -4.25 21.69
CA ASP A 69 3.84 -4.51 20.70
C ASP A 69 2.85 -3.33 20.68
N CYS A 70 3.23 -2.22 21.35
CA CYS A 70 2.39 -1.05 21.48
C CYS A 70 1.13 -1.30 22.31
N SER A 71 1.17 -2.21 23.30
CA SER A 71 0.07 -2.34 24.26
C SER A 71 0.18 -1.39 25.47
N SER A 72 1.28 -0.66 25.62
CA SER A 72 1.48 0.09 26.85
C SER A 72 0.75 1.43 26.74
N SER A 73 0.42 2.04 27.87
CA SER A 73 -0.27 3.31 27.80
C SER A 73 0.69 4.42 27.36
N ASN A 74 1.98 4.05 27.25
CA ASN A 74 3.04 5.01 26.97
C ASN A 74 3.24 5.16 25.47
N CYS A 75 2.49 4.39 24.67
CA CYS A 75 2.55 4.53 23.23
C CYS A 75 2.01 5.91 22.85
N LEU A 76 2.86 6.74 22.23
CA LEU A 76 2.48 8.09 21.83
C LEU A 76 1.31 8.05 20.85
N CYS A 77 1.33 7.09 19.92
CA CYS A 77 0.27 7.01 18.93
C CYS A 77 -1.07 6.78 19.63
N GLY A 78 -1.08 5.89 20.64
CA GLY A 78 -2.25 5.63 21.45
C GLY A 78 -2.80 6.90 22.13
N GLN A 79 -1.90 7.77 22.58
CA GLN A 79 -2.26 8.94 23.39
C GLN A 79 -2.84 10.08 22.54
N LEU A 80 -2.47 10.13 21.25
CA LEU A 80 -3.00 11.09 20.29
C LEU A 80 -4.49 10.88 20.11
N SER A 81 -5.04 9.88 20.81
CA SER A 81 -6.48 9.63 20.84
C SER A 81 -6.92 9.27 22.26
N ILE A 82 -6.37 10.00 23.25
CA ILE A 82 -6.47 9.67 24.67
C ILE A 82 -5.69 8.37 24.92
N ARG A 83 -6.28 7.23 24.54
CA ARG A 83 -5.63 5.93 24.68
C ARG A 83 -5.76 5.17 23.36
N CYS A 84 -4.86 4.21 23.10
CA CYS A 84 -5.14 3.24 22.04
C CYS A 84 -6.50 2.64 22.36
N TRP A 85 -7.40 2.62 21.37
CA TRP A 85 -8.75 2.24 21.67
C TRP A 85 -8.96 0.76 21.38
N TYR A 86 -7.89 0.08 21.00
CA TYR A 86 -8.05 -1.30 20.57
C TYR A 86 -7.65 -2.25 21.70
N ASP A 87 -8.49 -3.26 21.97
CA ASP A 87 -8.12 -4.34 22.86
C ASP A 87 -7.08 -5.21 22.14
N LYS A 88 -6.72 -6.35 22.75
CA LYS A 88 -5.58 -7.11 22.27
C LYS A 88 -6.01 -7.94 21.07
N ASP A 89 -7.33 -8.02 20.86
CA ASP A 89 -7.86 -8.76 19.73
C ASP A 89 -8.23 -7.79 18.61
N GLY A 90 -7.85 -6.51 18.76
CA GLY A 90 -8.03 -5.53 17.70
C GLY A 90 -9.46 -4.95 17.67
N ARG A 91 -10.17 -5.00 18.80
CA ARG A 91 -11.55 -4.53 18.90
C ARG A 91 -11.60 -3.23 19.71
N LEU A 92 -12.50 -2.33 19.32
CA LEU A 92 -12.66 -1.10 20.07
C LEU A 92 -13.02 -1.45 21.50
N LEU A 93 -12.51 -0.71 22.49
CA LEU A 93 -12.90 -0.96 23.87
C LEU A 93 -14.41 -0.78 24.02
N GLN A 94 -15.01 -1.46 25.02
CA GLN A 94 -16.43 -1.32 25.32
C GLN A 94 -16.79 0.14 25.64
N GLU A 95 -15.85 0.89 26.25
CA GLU A 95 -16.12 2.24 26.71
C GLU A 95 -15.81 3.26 25.62
N PHE A 96 -15.43 2.77 24.44
CA PHE A 96 -15.17 3.65 23.30
C PHE A 96 -16.42 4.48 23.07
N ASN A 97 -16.24 5.79 22.88
CA ASN A 97 -17.38 6.67 22.68
C ASN A 97 -17.99 6.46 21.30
N LYS A 98 -19.05 5.62 21.24
CA LYS A 98 -19.67 5.22 19.99
C LYS A 98 -20.58 6.32 19.44
N ILE A 99 -20.95 7.29 20.29
CA ILE A 99 -21.73 8.43 19.83
C ILE A 99 -20.78 9.45 19.21
N GLU A 100 -19.72 9.79 19.94
CA GLU A 100 -18.79 10.85 19.55
C GLU A 100 -17.38 10.27 19.41
N PRO A 101 -17.10 9.44 18.39
CA PRO A 101 -15.83 8.70 18.33
C PRO A 101 -14.65 9.66 18.16
N PRO A 102 -13.55 9.49 18.94
CA PRO A 102 -12.38 10.36 18.78
C PRO A 102 -11.59 9.97 17.52
N LEU A 103 -10.67 10.83 17.09
CA LEU A 103 -9.77 10.54 15.99
C LEU A 103 -8.80 9.43 16.39
N ILE A 104 -8.67 8.38 15.56
CA ILE A 104 -7.71 7.34 15.87
C ILE A 104 -6.43 7.56 15.06
N PHE A 105 -5.27 7.49 15.72
CA PHE A 105 -3.96 7.51 15.07
C PHE A 105 -3.32 6.12 15.22
N GLU A 106 -3.35 5.38 14.13
CA GLU A 106 -2.64 4.10 14.11
C GLU A 106 -1.16 4.35 13.87
N CYS A 107 -0.36 3.32 14.15
CA CYS A 107 1.08 3.39 13.97
C CYS A 107 1.39 3.44 12.47
N ASN A 108 2.62 3.86 12.14
CA ASN A 108 2.90 4.20 10.77
C ASN A 108 4.37 3.85 10.48
N GLN A 109 4.84 4.22 9.29
CA GLN A 109 6.16 3.87 8.82
C GLN A 109 7.21 4.66 9.60
N ALA A 110 6.81 5.70 10.33
CA ALA A 110 7.80 6.41 11.11
C ALA A 110 7.93 5.85 12.53
N CYS A 111 6.93 5.08 13.02
CA CYS A 111 7.04 4.42 14.31
C CYS A 111 8.20 3.42 14.32
N SER A 112 8.76 3.25 15.52
CA SER A 112 9.84 2.32 15.82
C SER A 112 9.29 0.90 15.90
N CYS A 113 7.98 0.75 16.10
CA CYS A 113 7.40 -0.57 16.36
C CYS A 113 7.34 -1.44 15.10
N TRP A 114 6.98 -2.71 15.29
CA TRP A 114 6.84 -3.71 14.25
C TRP A 114 5.47 -3.61 13.59
N ARG A 115 5.41 -4.08 12.35
CA ARG A 115 4.24 -4.02 11.49
C ARG A 115 3.04 -4.73 12.10
N ASN A 116 3.28 -5.62 13.09
CA ASN A 116 2.21 -6.39 13.67
C ASN A 116 1.93 -5.93 15.09
N CYS A 117 2.15 -4.64 15.38
CA CYS A 117 1.91 -4.14 16.72
C CYS A 117 0.40 -4.04 16.88
N LYS A 118 -0.07 -3.66 18.07
CA LYS A 118 -1.49 -3.71 18.37
C LYS A 118 -2.21 -2.47 17.87
N ASN A 119 -1.46 -1.50 17.32
CA ASN A 119 -2.13 -0.26 16.93
C ASN A 119 -2.20 -0.16 15.41
N ARG A 120 -2.67 -1.23 14.74
CA ARG A 120 -2.65 -1.24 13.29
C ARG A 120 -3.86 -1.95 12.68
N VAL A 121 -4.99 -1.84 13.34
CA VAL A 121 -6.17 -2.58 12.96
C VAL A 121 -6.67 -2.25 11.55
N VAL A 122 -6.89 -0.97 11.24
CA VAL A 122 -7.59 -0.63 10.01
C VAL A 122 -6.67 -0.82 8.81
N GLN A 123 -5.37 -0.52 9.01
CA GLN A 123 -4.43 -0.60 7.90
C GLN A 123 -4.23 -2.06 7.53
N SER A 124 -4.68 -2.98 8.39
CA SER A 124 -4.55 -4.39 8.05
C SER A 124 -5.72 -4.96 7.21
N GLY A 125 -6.77 -4.18 6.94
CA GLY A 125 -7.73 -4.61 5.93
C GLY A 125 -8.88 -5.48 6.45
N ILE A 126 -9.74 -5.92 5.52
CA ILE A 126 -10.92 -6.68 5.90
C ILE A 126 -10.53 -8.09 6.38
N LYS A 127 -11.16 -8.51 7.49
CA LYS A 127 -10.97 -9.81 8.11
C LYS A 127 -12.28 -10.60 8.21
N VAL A 128 -13.44 -9.93 8.26
CA VAL A 128 -14.70 -10.65 8.44
C VAL A 128 -15.28 -11.02 7.07
N ARG A 129 -16.15 -12.05 7.07
CA ARG A 129 -16.76 -12.50 5.82
C ARG A 129 -18.07 -11.74 5.60
N LEU A 130 -18.11 -11.03 4.47
CA LEU A 130 -19.19 -10.13 4.08
C LEU A 130 -19.75 -10.66 2.77
N GLN A 131 -20.98 -10.27 2.48
CA GLN A 131 -21.57 -10.69 1.21
C GLN A 131 -22.38 -9.53 0.63
N LEU A 132 -22.27 -9.36 -0.69
CA LEU A 132 -23.13 -8.42 -1.37
C LEU A 132 -24.39 -9.19 -1.78
N TYR A 133 -25.56 -8.76 -1.28
CA TYR A 133 -26.80 -9.46 -1.56
C TYR A 133 -27.90 -8.50 -1.97
N ARG A 134 -28.93 -9.07 -2.59
CA ARG A 134 -30.08 -8.29 -3.00
C ARG A 134 -31.12 -8.27 -1.88
N THR A 135 -31.49 -7.07 -1.44
CA THR A 135 -32.44 -6.95 -0.36
C THR A 135 -33.84 -6.88 -0.95
N ALA A 136 -34.82 -6.89 -0.06
CA ALA A 136 -36.19 -6.95 -0.52
C ALA A 136 -36.58 -5.57 -1.04
N LYS A 137 -36.10 -4.51 -0.38
CA LYS A 137 -36.70 -3.21 -0.59
C LYS A 137 -35.68 -2.08 -0.76
N MET A 138 -34.38 -2.33 -0.59
CA MET A 138 -33.42 -1.23 -0.63
C MET A 138 -32.28 -1.57 -1.58
N GLY A 139 -32.58 -2.27 -2.67
CA GLY A 139 -31.60 -2.63 -3.68
C GLY A 139 -30.52 -3.53 -3.08
N TRP A 140 -29.24 -3.28 -3.43
CA TRP A 140 -28.18 -4.09 -2.89
C TRP A 140 -27.88 -3.63 -1.46
N GLY A 141 -27.44 -4.60 -0.67
CA GLY A 141 -27.02 -4.41 0.70
C GLY A 141 -25.83 -5.30 1.00
N VAL A 142 -25.29 -5.17 2.21
CA VAL A 142 -24.16 -5.97 2.62
C VAL A 142 -24.51 -6.68 3.92
N ARG A 143 -24.17 -7.96 4.01
CA ARG A 143 -24.50 -8.65 5.25
C ARG A 143 -23.33 -9.51 5.73
N ALA A 144 -23.33 -9.82 7.02
CA ALA A 144 -22.31 -10.66 7.65
C ALA A 144 -22.58 -12.12 7.32
N LEU A 145 -21.52 -12.86 6.95
CA LEU A 145 -21.59 -14.31 6.76
C LEU A 145 -21.02 -15.02 8.00
N GLN A 146 -20.92 -14.31 9.13
CA GLN A 146 -20.41 -14.87 10.38
C GLN A 146 -20.92 -13.98 11.51
N THR A 147 -20.77 -14.43 12.76
CA THR A 147 -21.04 -13.57 13.88
C THR A 147 -19.86 -12.62 13.97
N ILE A 148 -20.12 -11.40 14.45
CA ILE A 148 -19.07 -10.42 14.63
C ILE A 148 -19.29 -9.76 15.98
N PRO A 149 -18.32 -9.87 16.93
CA PRO A 149 -18.45 -9.19 18.23
C PRO A 149 -18.43 -7.67 18.08
N GLN A 150 -19.10 -6.98 19.00
CA GLN A 150 -19.00 -5.54 19.17
C GLN A 150 -17.56 -5.05 19.00
N GLY A 151 -17.38 -3.88 18.38
CA GLY A 151 -16.05 -3.27 18.37
C GLY A 151 -15.09 -3.80 17.30
N THR A 152 -15.57 -4.63 16.36
CA THR A 152 -14.72 -5.23 15.33
C THR A 152 -14.64 -4.34 14.08
N PHE A 153 -13.45 -4.26 13.45
CA PHE A 153 -13.30 -3.55 12.19
C PHE A 153 -14.00 -4.35 11.11
N ILE A 154 -14.77 -3.65 10.26
CA ILE A 154 -15.52 -4.34 9.21
C ILE A 154 -14.91 -4.02 7.85
N CYS A 155 -14.93 -2.72 7.48
CA CYS A 155 -14.37 -2.29 6.20
C CYS A 155 -14.29 -0.78 6.25
N GLU A 156 -13.59 -0.23 5.27
CA GLU A 156 -13.37 1.20 5.16
C GLU A 156 -14.33 1.74 4.12
N TYR A 157 -14.79 2.99 4.28
CA TYR A 157 -15.50 3.63 3.19
C TYR A 157 -14.50 4.20 2.18
N VAL A 158 -14.34 3.51 1.05
CA VAL A 158 -13.28 3.84 0.11
C VAL A 158 -13.92 4.51 -1.10
N GLY A 159 -13.33 5.62 -1.58
CA GLY A 159 -13.79 6.18 -2.85
C GLY A 159 -12.85 7.24 -3.45
N GLU A 160 -13.45 8.10 -4.28
CA GLU A 160 -12.78 9.20 -4.94
C GLU A 160 -12.76 10.40 -3.99
N LEU A 161 -11.58 10.93 -3.68
CA LEU A 161 -11.48 12.12 -2.84
C LEU A 161 -11.83 13.36 -3.66
N ILE A 162 -12.79 14.18 -3.18
CA ILE A 162 -13.20 15.35 -3.94
C ILE A 162 -13.48 16.55 -3.02
N SER A 163 -13.42 17.75 -3.60
CA SER A 163 -13.58 18.99 -2.84
C SER A 163 -15.06 19.28 -2.60
N ASP A 164 -15.34 20.22 -1.69
CA ASP A 164 -16.69 20.70 -1.47
C ASP A 164 -17.30 21.23 -2.77
N ALA A 165 -16.56 22.09 -3.47
CA ALA A 165 -16.99 22.67 -4.73
C ALA A 165 -17.36 21.56 -5.72
N GLU A 166 -16.57 20.49 -5.78
CA GLU A 166 -16.84 19.43 -6.73
C GLU A 166 -18.09 18.66 -6.27
N ALA A 167 -18.21 18.41 -4.96
CA ALA A 167 -19.40 17.71 -4.49
C ALA A 167 -20.62 18.52 -4.95
N ASP A 168 -20.49 19.84 -4.89
CA ASP A 168 -21.60 20.75 -5.13
C ASP A 168 -22.20 20.54 -6.52
N VAL A 169 -21.42 20.00 -7.47
CA VAL A 169 -21.89 19.88 -8.84
C VAL A 169 -22.05 18.41 -9.27
N ARG A 170 -21.88 17.46 -8.33
CA ARG A 170 -21.98 16.05 -8.68
C ARG A 170 -23.45 15.72 -8.94
N GLU A 171 -23.75 15.06 -10.07
CA GLU A 171 -25.12 14.75 -10.44
C GLU A 171 -25.72 13.76 -9.44
N ASP A 172 -24.99 12.68 -9.14
CA ASP A 172 -25.43 11.69 -8.16
C ASP A 172 -24.83 12.04 -6.80
N ASP A 173 -25.70 12.34 -5.83
CA ASP A 173 -25.22 12.61 -4.47
C ASP A 173 -25.56 11.45 -3.55
N SER A 174 -25.71 10.22 -4.09
CA SER A 174 -26.11 9.05 -3.31
C SER A 174 -24.95 8.38 -2.56
N TYR A 175 -23.70 8.67 -2.91
CA TYR A 175 -22.56 7.87 -2.48
C TYR A 175 -21.51 8.75 -1.81
N LEU A 176 -21.95 9.84 -1.18
CA LEU A 176 -21.02 10.79 -0.62
C LEU A 176 -20.82 10.53 0.87
N PHE A 177 -19.57 10.73 1.31
CA PHE A 177 -19.24 10.73 2.72
C PHE A 177 -18.41 11.96 3.03
N ASP A 178 -18.88 12.75 4.01
CA ASP A 178 -18.24 13.99 4.43
C ASP A 178 -17.07 13.66 5.33
N LEU A 179 -15.89 14.24 5.02
CA LEU A 179 -14.72 14.09 5.87
C LEU A 179 -14.64 15.29 6.79
N ASP A 180 -14.98 15.11 8.06
CA ASP A 180 -15.17 16.27 8.92
C ASP A 180 -13.82 16.85 9.30
N ASN A 181 -13.65 18.16 8.99
CA ASN A 181 -12.51 18.97 9.38
C ASN A 181 -13.01 20.39 9.68
N ASP A 183 -10.99 22.61 11.56
CA ASP A 183 -10.12 23.59 10.84
C ASP A 183 -10.96 24.32 9.79
N GLY A 184 -10.52 24.35 8.53
CA GLY A 184 -11.25 25.12 7.54
C GLY A 184 -11.07 24.65 6.08
N GLU A 185 -12.18 24.25 5.46
CA GLU A 185 -12.27 23.80 4.07
C GLU A 185 -12.31 22.27 4.01
N VAL A 186 -13.39 21.74 3.43
CA VAL A 186 -13.75 20.37 3.73
C VAL A 186 -13.87 19.53 2.46
N TYR A 187 -13.79 18.22 2.63
CA TYR A 187 -13.71 17.31 1.50
C TYR A 187 -14.71 16.18 1.70
N CYS A 188 -14.91 15.40 0.63
CA CYS A 188 -15.80 14.26 0.66
C CYS A 188 -15.13 13.06 0.03
N ILE A 189 -15.64 11.88 0.38
CA ILE A 189 -15.39 10.75 -0.50
C ILE A 189 -16.66 10.56 -1.30
N ASP A 190 -16.50 10.42 -2.62
CA ASP A 190 -17.60 10.04 -3.50
C ASP A 190 -17.35 8.62 -3.98
N ALA A 191 -18.22 7.69 -3.56
CA ALA A 191 -18.01 6.31 -4.00
C ALA A 191 -18.83 5.98 -5.24
N ARG A 192 -19.33 7.00 -5.94
CA ARG A 192 -20.22 6.74 -7.06
C ARG A 192 -19.47 6.05 -8.21
N TYR A 193 -18.30 6.55 -8.59
CA TYR A 193 -17.64 6.04 -9.78
C TYR A 193 -16.55 5.06 -9.40
N TYR A 194 -15.91 5.32 -8.24
CA TYR A 194 -14.83 4.50 -7.72
C TYR A 194 -15.19 4.13 -6.30
N GLY A 195 -15.19 2.85 -5.94
CA GLY A 195 -15.70 2.53 -4.61
C GLY A 195 -15.32 1.11 -4.23
N ASN A 196 -15.50 0.77 -2.94
CA ASN A 196 -15.28 -0.59 -2.46
C ASN A 196 -16.62 -1.15 -1.93
N ILE A 197 -16.58 -2.33 -1.28
CA ILE A 197 -17.77 -2.96 -0.72
C ILE A 197 -18.67 -1.98 0.05
N SER A 198 -18.08 -0.98 0.69
CA SER A 198 -18.89 -0.20 1.60
C SER A 198 -19.86 0.72 0.85
N ARG A 199 -19.71 0.85 -0.48
CA ARG A 199 -20.61 1.73 -1.19
C ARG A 199 -22.01 1.11 -1.23
N PHE A 200 -22.09 -0.18 -0.89
CA PHE A 200 -23.35 -0.87 -0.98
C PHE A 200 -24.01 -0.98 0.39
N ILE A 201 -23.49 -0.31 1.41
CA ILE A 201 -24.08 -0.47 2.73
C ILE A 201 -25.24 0.51 2.88
N ASN A 202 -26.41 0.00 3.32
CA ASN A 202 -27.62 0.81 3.36
C ASN A 202 -27.73 1.54 4.69
N HIS A 203 -28.63 2.54 4.71
CA HIS A 203 -28.95 3.21 5.96
C HIS A 203 -29.88 2.32 6.78
N LEU A 204 -29.65 2.28 8.10
CA LEU A 204 -30.57 1.69 9.07
C LEU A 204 -30.87 2.67 10.19
N CYS A 205 -32.15 2.75 10.55
CA CYS A 205 -32.55 3.59 11.66
C CYS A 205 -32.18 2.88 12.96
N ASP A 206 -31.95 1.56 12.87
CA ASP A 206 -31.41 0.86 14.02
C ASP A 206 -30.01 0.32 13.68
N PRO A 207 -28.98 1.18 13.65
CA PRO A 207 -27.70 0.81 13.02
C PRO A 207 -26.88 -0.21 13.79
N ASN A 208 -26.00 -0.94 13.11
CA ASN A 208 -25.17 -1.92 13.79
C ASN A 208 -23.68 -1.66 13.51
N ILE A 209 -23.36 -0.60 12.78
CA ILE A 209 -21.97 -0.19 12.59
C ILE A 209 -21.88 1.32 12.73
N ILE A 210 -20.70 1.82 13.11
CA ILE A 210 -20.49 3.25 13.21
C ILE A 210 -19.21 3.63 12.45
N PRO A 211 -19.15 4.83 11.82
CA PRO A 211 -17.93 5.29 11.16
C PRO A 211 -16.99 5.99 12.14
N VAL A 212 -15.68 5.72 11.98
CA VAL A 212 -14.62 6.33 12.79
C VAL A 212 -13.59 6.93 11.83
N ARG A 213 -13.10 8.12 12.18
CA ARG A 213 -12.05 8.75 11.40
C ARG A 213 -10.72 8.21 11.89
N VAL A 214 -9.84 7.84 10.95
CA VAL A 214 -8.59 7.18 11.28
C VAL A 214 -7.49 7.74 10.39
N PHE A 215 -6.28 7.84 10.94
CA PHE A 215 -5.10 8.23 10.19
C PHE A 215 -4.11 7.10 10.28
N MET A 216 -3.41 6.85 9.17
CA MET A 216 -2.52 5.71 9.10
C MET A 216 -1.20 6.17 8.51
N LEU A 217 -1.07 6.13 7.18
CA LEU A 217 0.22 6.33 6.55
C LEU A 217 0.51 7.81 6.41
N HIS A 218 -0.51 8.65 6.51
CA HIS A 218 -0.30 10.09 6.51
C HIS A 218 -1.16 10.66 7.63
N GLN A 219 -0.95 11.94 7.99
CA GLN A 219 -1.74 12.56 9.05
C GLN A 219 -2.28 13.92 8.59
N ASP A 220 -2.58 14.03 7.29
CA ASP A 220 -3.19 15.24 6.77
C ASP A 220 -4.66 15.28 7.19
N LEU A 221 -4.98 16.17 8.14
CA LEU A 221 -6.26 16.14 8.83
C LEU A 221 -7.43 16.51 7.90
N ARG A 222 -7.14 16.96 6.67
CA ARG A 222 -8.20 17.16 5.69
C ARG A 222 -8.82 15.84 5.23
N PHE A 223 -8.04 14.76 5.34
CA PHE A 223 -8.40 13.51 4.69
C PHE A 223 -8.30 12.35 5.67
N PRO A 224 -9.12 12.34 6.74
CA PRO A 224 -9.25 11.13 7.55
C PRO A 224 -9.78 10.04 6.61
N ARG A 225 -9.47 8.78 6.94
CA ARG A 225 -10.04 7.62 6.30
C ARG A 225 -11.13 7.11 7.24
N ILE A 226 -12.20 6.57 6.65
CA ILE A 226 -13.43 6.26 7.37
C ILE A 226 -13.52 4.75 7.54
N ALA A 227 -13.44 4.32 8.81
CA ALA A 227 -13.50 2.90 9.15
C ALA A 227 -14.84 2.63 9.83
N PHE A 228 -15.51 1.56 9.39
CA PHE A 228 -16.68 1.06 10.09
C PHE A 228 -16.29 -0.05 11.07
N PHE A 229 -16.82 0.08 12.30
CA PHE A 229 -16.69 -0.90 13.37
C PHE A 229 -18.08 -1.31 13.84
N SER A 230 -18.27 -2.56 14.26
CA SER A 230 -19.58 -2.93 14.83
C SER A 230 -19.81 -2.22 16.16
N SER A 231 -21.05 -1.74 16.39
CA SER A 231 -21.41 -1.02 17.59
C SER A 231 -22.16 -1.93 18.57
N ARG A 232 -22.36 -3.20 18.18
CA ARG A 232 -22.90 -4.25 19.03
C ARG A 232 -22.55 -5.59 18.36
N ASP A 233 -22.84 -6.70 19.05
CA ASP A 233 -22.68 -8.01 18.45
C ASP A 233 -23.61 -8.14 17.25
N ILE A 234 -23.15 -8.84 16.21
CA ILE A 234 -23.92 -8.99 14.99
C ILE A 234 -23.97 -10.48 14.69
N ARG A 235 -25.13 -10.98 14.26
CA ARG A 235 -25.35 -12.41 14.06
C ARG A 235 -25.17 -12.71 12.58
N THR A 236 -24.80 -13.95 12.24
CA THR A 236 -24.65 -14.32 10.84
C THR A 236 -25.91 -13.92 10.07
N GLY A 237 -25.75 -13.32 8.89
CA GLY A 237 -26.88 -13.08 8.01
C GLY A 237 -27.47 -11.69 8.18
N GLU A 238 -27.11 -10.97 9.26
CA GLU A 238 -27.62 -9.63 9.51
C GLU A 238 -27.14 -8.62 8.45
N GLU A 239 -28.05 -7.76 7.98
CA GLU A 239 -27.66 -6.64 7.15
C GLU A 239 -26.82 -5.69 8.00
N LEU A 240 -25.70 -5.20 7.43
CA LEU A 240 -24.98 -4.10 8.05
C LEU A 240 -25.59 -2.77 7.62
N GLY A 241 -25.67 -1.82 8.55
CA GLY A 241 -25.99 -0.46 8.14
C GLY A 241 -25.60 0.57 9.19
N PHE A 242 -25.47 1.82 8.76
CA PHE A 242 -25.14 2.90 9.67
C PHE A 242 -26.19 3.99 9.51
N ASP A 243 -26.11 5.01 10.35
CA ASP A 243 -27.01 6.15 10.22
C ASP A 243 -26.43 7.13 9.22
N TYR A 244 -27.07 7.25 8.04
CA TYR A 244 -26.60 8.17 7.03
C TYR A 244 -26.65 9.62 7.49
N GLY A 245 -27.62 9.97 8.37
CA GLY A 245 -27.63 11.31 8.93
C GLY A 245 -28.66 12.21 8.25
N ASP A 246 -28.93 13.38 8.86
CA ASP A 246 -30.03 14.25 8.43
C ASP A 246 -29.71 14.91 7.09
N ARG A 247 -28.43 15.11 6.81
CA ARG A 247 -28.11 15.82 5.58
C ARG A 247 -28.60 15.02 4.37
N PHE A 248 -28.46 13.70 4.42
CA PHE A 248 -28.86 12.87 3.30
C PHE A 248 -30.39 12.81 3.24
N TRP A 249 -31.02 12.65 4.41
CA TRP A 249 -32.45 12.36 4.40
C TRP A 249 -33.26 13.60 4.04
N ASP A 250 -32.77 14.76 4.51
CA ASP A 250 -33.32 16.06 4.13
C ASP A 250 -33.38 16.21 2.62
N ILE A 251 -32.28 15.90 1.92
CA ILE A 251 -32.34 15.99 0.47
C ILE A 251 -33.22 14.89 -0.09
N LYS A 252 -33.14 13.68 0.48
CA LYS A 252 -33.57 12.52 -0.25
C LYS A 252 -35.06 12.22 -0.01
N SER A 253 -35.59 12.68 1.13
CA SER A 253 -36.92 12.28 1.59
C SER A 253 -38.03 12.54 0.55
N LYS A 254 -37.88 13.61 -0.23
CA LYS A 254 -38.91 13.98 -1.19
C LYS A 254 -38.82 13.10 -2.42
N TYR A 255 -37.83 12.19 -2.48
CA TYR A 255 -37.67 11.30 -3.62
C TYR A 255 -38.01 9.86 -3.25
N PHE A 256 -37.60 9.45 -2.05
CA PHE A 256 -37.90 8.12 -1.56
C PHE A 256 -37.84 8.20 -0.05
N THR A 257 -38.37 7.17 0.61
CA THR A 257 -38.41 7.16 2.06
C THR A 257 -37.80 5.85 2.56
N CYS A 258 -37.52 5.84 3.87
CA CYS A 258 -36.69 4.78 4.43
C CYS A 258 -37.46 3.47 4.47
N GLN A 259 -36.80 2.39 4.04
CA GLN A 259 -37.46 1.11 4.01
C GLN A 259 -36.82 0.16 5.04
N CYS A 260 -36.13 0.72 6.05
CA CYS A 260 -35.35 -0.11 6.95
C CYS A 260 -36.25 -1.03 7.77
N GLY A 261 -37.49 -0.58 8.02
CA GLY A 261 -38.52 -1.49 8.45
C GLY A 261 -38.53 -1.66 9.97
N SER A 262 -37.75 -0.84 10.66
CA SER A 262 -37.61 -0.98 12.09
C SER A 262 -38.72 -0.17 12.77
N GLU A 263 -39.15 -0.61 13.95
CA GLU A 263 -40.20 0.17 14.60
C GLU A 263 -39.61 1.48 15.10
N LYS A 264 -38.28 1.56 15.14
CA LYS A 264 -37.61 2.80 15.49
C LYS A 264 -37.51 3.72 14.27
N CYS A 265 -38.08 3.31 13.13
CA CYS A 265 -37.74 3.99 11.89
C CYS A 265 -38.19 5.44 11.98
N LYS A 266 -37.29 6.37 11.64
CA LYS A 266 -37.68 7.76 11.74
C LYS A 266 -37.66 8.43 10.36
N HIS A 267 -37.57 7.64 9.29
CA HIS A 267 -37.46 8.26 7.97
C HIS A 267 -38.41 7.58 6.98
N SER A 268 -39.34 6.75 7.48
CA SER A 268 -40.36 6.14 6.63
C SER A 268 -41.39 7.17 6.16
N ALA A 269 -42.10 6.85 5.08
CA ALA A 269 -43.25 7.65 4.66
C ALA A 269 -44.16 7.92 5.86
N GLU A 270 -44.38 6.89 6.70
CA GLU A 270 -45.31 7.04 7.81
C GLU A 270 -44.73 8.01 8.84
N ALA A 271 -43.45 7.83 9.20
CA ALA A 271 -42.88 8.61 10.29
C ALA A 271 -42.83 10.08 9.89
N ILE A 272 -42.55 10.31 8.61
CA ILE A 272 -42.50 11.64 8.05
C ILE A 272 -43.92 12.25 8.04
N ALA A 273 -44.95 11.43 7.79
CA ALA A 273 -46.31 11.95 7.78
C ALA A 273 -46.76 12.34 9.19
N LEU A 274 -46.31 11.61 10.21
CA LEU A 274 -46.78 11.86 11.57
C LEU A 274 -46.18 13.15 12.14
N GLU A 275 -45.05 13.58 11.57
CA GLU A 275 -44.37 14.77 12.06
C GLU A 275 -44.91 16.00 11.36
N GLN A 276 -45.02 15.95 10.03
CA GLN A 276 -45.73 16.98 9.26
C GLN A 276 -47.12 17.23 9.86
N SER A 277 -47.73 16.20 10.46
CA SER A 277 -49.10 16.25 10.95
C SER A 277 -49.17 16.42 12.46
N ARG A 278 -48.02 16.71 13.08
CA ARG A 278 -48.04 17.22 14.44
C ARG A 278 -48.01 18.73 14.35
N LEU A 279 -47.63 19.22 13.16
CA LEU A 279 -47.64 20.63 12.83
C LEU A 279 -49.07 21.06 12.47
N ILE B 6 38.01 -19.21 16.12
CA ILE B 6 37.95 -18.36 17.34
C ILE B 6 36.61 -17.63 17.39
N ARG B 7 36.02 -17.34 16.22
CA ARG B 7 34.87 -16.43 16.17
C ARG B 7 33.63 -17.10 15.55
N THR B 8 32.50 -16.93 16.23
CA THR B 8 31.24 -17.56 15.84
C THR B 8 30.39 -16.58 15.01
N GLU B 9 29.60 -17.14 14.09
CA GLU B 9 28.55 -16.39 13.41
C GLU B 9 27.38 -16.25 14.37
N LYS B 10 27.05 -15.01 14.73
CA LYS B 10 25.94 -14.74 15.62
C LYS B 10 24.79 -14.21 14.78
N ILE B 11 23.56 -14.54 15.18
CA ILE B 11 22.38 -13.94 14.58
C ILE B 11 22.05 -12.69 15.39
N ILE B 12 22.11 -11.51 14.78
CA ILE B 12 21.97 -10.31 15.59
C ILE B 12 20.65 -9.59 15.35
N CYS B 13 19.83 -10.10 14.43
CA CYS B 13 18.50 -9.55 14.22
C CYS B 13 17.67 -10.59 13.47
N ARG B 14 16.50 -10.89 14.01
CA ARG B 14 15.66 -11.90 13.38
C ARG B 14 14.95 -11.30 12.16
N ASP B 15 14.80 -9.97 12.09
CA ASP B 15 14.17 -9.36 10.92
C ASP B 15 14.44 -7.85 10.85
N VAL B 16 15.34 -7.43 9.96
CA VAL B 16 15.68 -6.02 9.91
C VAL B 16 14.51 -5.21 9.35
N ALA B 17 13.56 -5.89 8.67
CA ALA B 17 12.43 -5.17 8.10
C ALA B 17 11.32 -4.98 9.16
N ARG B 18 11.52 -5.51 10.37
CA ARG B 18 10.50 -5.34 11.42
C ARG B 18 9.10 -5.79 10.96
N GLY B 19 9.05 -6.84 10.13
CA GLY B 19 7.79 -7.44 9.71
C GLY B 19 7.15 -6.70 8.53
N TYR B 20 7.87 -5.77 7.87
CA TYR B 20 7.21 -4.98 6.85
C TYR B 20 7.23 -5.67 5.49
N GLU B 21 8.06 -6.70 5.33
CA GLU B 21 8.11 -7.39 4.06
C GLU B 21 7.34 -8.70 4.16
N ASN B 22 7.15 -9.38 3.01
CA ASN B 22 6.41 -10.63 2.94
C ASN B 22 7.18 -11.69 3.72
N VAL B 23 8.52 -11.54 3.84
CA VAL B 23 9.30 -12.53 4.55
C VAL B 23 10.24 -11.82 5.52
N PRO B 24 10.72 -12.51 6.58
CA PRO B 24 11.68 -11.91 7.50
C PRO B 24 13.07 -11.88 6.84
N ILE B 25 13.85 -10.82 7.10
CA ILE B 25 15.20 -10.74 6.59
C ILE B 25 16.16 -10.70 7.77
N PRO B 26 16.74 -11.86 8.18
CA PRO B 26 17.63 -11.88 9.35
C PRO B 26 18.98 -11.23 9.03
N CYS B 27 19.72 -10.87 10.08
CA CYS B 27 21.06 -10.32 9.99
C CYS B 27 22.01 -11.19 10.82
N VAL B 28 23.16 -11.53 10.24
CA VAL B 28 24.16 -12.29 10.97
C VAL B 28 25.51 -11.60 10.81
N ASN B 29 26.41 -11.89 11.75
CA ASN B 29 27.76 -11.36 11.69
C ASN B 29 28.73 -12.45 12.18
N GLY B 30 29.54 -12.98 11.27
CA GLY B 30 30.55 -13.97 11.65
C GLY B 30 31.96 -13.43 11.45
N VAL B 31 32.11 -12.10 11.47
CA VAL B 31 33.35 -11.50 10.99
C VAL B 31 33.97 -10.57 12.03
N ASP B 32 33.13 -9.78 12.72
CA ASP B 32 33.65 -8.77 13.63
C ASP B 32 32.55 -8.42 14.63
N GLY B 33 32.77 -7.35 15.40
CA GLY B 33 31.93 -7.03 16.55
C GLY B 33 30.86 -5.99 16.26
N GLU B 34 30.75 -5.59 14.98
CA GLU B 34 29.80 -4.61 14.50
C GLU B 34 28.37 -5.10 14.75
N PRO B 35 27.55 -4.37 15.55
CA PRO B 35 26.20 -4.83 15.86
C PRO B 35 25.28 -4.45 14.69
N CYS B 36 24.01 -4.82 14.82
CA CYS B 36 23.03 -4.62 13.76
C CYS B 36 22.95 -3.15 13.34
N PRO B 37 23.13 -2.81 12.05
CA PRO B 37 23.09 -1.41 11.60
C PRO B 37 21.76 -0.73 11.95
N GLU B 38 21.82 0.43 12.62
CA GLU B 38 20.56 1.06 13.02
C GLU B 38 20.57 2.56 12.81
N ASP B 39 21.44 3.06 11.94
CA ASP B 39 21.46 4.49 11.67
C ASP B 39 20.65 4.83 10.42
N TYR B 40 19.42 4.33 10.34
CA TYR B 40 18.58 4.54 9.18
C TYR B 40 17.22 4.01 9.62
N LYS B 41 16.15 4.43 8.94
CA LYS B 41 14.83 3.93 9.22
C LYS B 41 14.48 2.94 8.11
N TYR B 42 14.18 1.68 8.46
CA TYR B 42 13.75 0.72 7.45
C TYR B 42 12.33 1.04 7.00
N ILE B 43 12.15 1.20 5.68
CA ILE B 43 10.83 1.44 5.12
C ILE B 43 10.69 0.46 3.96
N SER B 44 9.46 0.00 3.70
CA SER B 44 9.28 -0.99 2.66
C SER B 44 8.83 -0.37 1.34
N GLU B 45 8.41 0.90 1.38
N GLU B 45 8.42 0.90 1.41
CA GLU B 45 8.01 1.59 0.15
CA GLU B 45 7.99 1.63 0.22
C GLU B 45 8.47 3.05 0.21
C GLU B 45 8.69 2.99 0.22
N ASN B 46 8.81 3.60 -0.97
CA ASN B 46 9.45 4.90 -1.11
C ASN B 46 8.73 5.94 -0.24
N CYS B 47 9.48 6.85 0.39
CA CYS B 47 8.87 7.93 1.18
C CYS B 47 9.27 9.26 0.55
N GLU B 48 8.69 10.34 1.08
CA GLU B 48 9.03 11.71 0.69
C GLU B 48 9.22 12.50 1.96
N THR B 49 10.12 13.47 1.92
CA THR B 49 10.15 14.49 2.94
C THR B 49 9.42 15.71 2.37
N SER B 50 10.03 16.37 1.38
CA SER B 50 9.35 17.50 0.77
C SER B 50 8.61 17.04 -0.49
N THR B 51 7.62 17.83 -0.93
CA THR B 51 6.66 17.31 -1.89
C THR B 51 7.28 17.06 -3.26
N MET B 52 6.89 15.92 -3.86
CA MET B 52 7.37 15.50 -5.17
C MET B 52 6.26 15.75 -6.20
N ASN B 53 5.03 15.98 -5.71
CA ASN B 53 3.89 16.25 -6.55
C ASN B 53 3.75 15.17 -7.62
N ILE B 54 3.81 13.90 -7.19
CA ILE B 54 3.66 12.77 -8.09
C ILE B 54 2.26 12.81 -8.71
N ASP B 55 2.19 12.52 -10.01
CA ASP B 55 0.87 12.56 -10.61
C ASP B 55 0.11 11.29 -10.22
N ARG B 56 -0.92 11.40 -9.36
CA ARG B 56 -1.69 10.25 -8.88
C ARG B 56 -3.11 10.20 -9.44
N ASN B 57 -3.48 11.12 -10.33
CA ASN B 57 -4.80 11.12 -10.96
C ASN B 57 -5.08 9.76 -11.61
N ILE B 58 -6.08 9.06 -11.08
CA ILE B 58 -6.36 7.69 -11.54
C ILE B 58 -6.80 7.72 -13.01
N THR B 59 -7.37 8.86 -13.45
CA THR B 59 -7.76 9.01 -14.84
C THR B 59 -6.56 9.12 -15.78
N HIS B 60 -5.35 9.35 -15.27
CA HIS B 60 -4.20 9.47 -16.17
C HIS B 60 -3.54 8.11 -16.34
N LEU B 61 -4.10 7.07 -15.72
CA LEU B 61 -3.48 5.76 -15.87
C LEU B 61 -3.89 5.17 -17.21
N GLN B 62 -2.90 4.80 -18.02
CA GLN B 62 -3.15 3.85 -19.08
C GLN B 62 -3.39 2.51 -18.41
N HIS B 63 -4.35 1.73 -18.90
CA HIS B 63 -4.71 0.49 -18.24
C HIS B 63 -5.30 -0.44 -19.28
N CYS B 64 -5.43 -1.72 -18.92
CA CYS B 64 -5.90 -2.71 -19.86
C CYS B 64 -7.40 -2.96 -19.65
N THR B 65 -8.02 -3.51 -20.69
CA THR B 65 -9.43 -3.88 -20.65
C THR B 65 -9.51 -5.41 -20.68
N CYS B 66 -8.43 -6.07 -20.24
CA CYS B 66 -8.44 -7.53 -20.23
C CYS B 66 -9.53 -8.06 -19.30
N VAL B 67 -10.03 -9.24 -19.67
CA VAL B 67 -11.02 -9.96 -18.90
C VAL B 67 -10.43 -11.33 -18.51
N ASP B 68 -9.20 -11.61 -18.99
CA ASP B 68 -8.41 -12.80 -18.66
C ASP B 68 -7.32 -12.46 -17.64
N ASP B 69 -6.26 -13.27 -17.56
CA ASP B 69 -5.19 -13.11 -16.57
C ASP B 69 -4.02 -12.31 -17.16
N CYS B 70 -4.28 -11.63 -18.30
CA CYS B 70 -3.37 -10.71 -18.96
C CYS B 70 -2.19 -11.39 -19.64
N SER B 71 -2.40 -12.58 -20.25
CA SER B 71 -1.38 -13.28 -21.02
C SER B 71 -1.55 -13.10 -22.54
N SER B 72 -2.59 -12.42 -22.98
CA SER B 72 -2.75 -12.22 -24.42
C SER B 72 -1.97 -10.98 -24.82
N SER B 73 -1.60 -10.89 -26.09
CA SER B 73 -0.86 -9.73 -26.54
C SER B 73 -1.79 -8.54 -26.78
N ASN B 74 -3.06 -8.69 -26.40
CA ASN B 74 -4.00 -7.57 -26.47
C ASN B 74 -3.98 -6.75 -25.19
N CYS B 75 -3.22 -7.19 -24.17
CA CYS B 75 -3.14 -6.46 -22.93
C CYS B 75 -2.40 -5.15 -23.16
N LEU B 76 -3.08 -4.01 -22.97
CA LEU B 76 -2.42 -2.75 -23.32
C LEU B 76 -1.16 -2.56 -22.47
N CYS B 77 -1.21 -2.96 -21.18
CA CYS B 77 -0.10 -2.80 -20.26
C CYS B 77 1.16 -3.50 -20.79
N GLY B 78 1.04 -4.79 -21.13
CA GLY B 78 2.09 -5.49 -21.86
C GLY B 78 2.57 -4.67 -23.05
N GLN B 79 1.64 -4.11 -23.82
CA GLN B 79 2.00 -3.46 -25.08
C GLN B 79 2.85 -2.23 -24.79
N LEU B 80 2.63 -1.59 -23.63
CA LEU B 80 3.37 -0.38 -23.32
C LEU B 80 4.85 -0.71 -23.12
N SER B 81 5.16 -1.99 -22.90
CA SER B 81 6.56 -2.35 -22.73
C SER B 81 6.98 -3.29 -23.84
N ILE B 82 6.37 -3.11 -25.01
CA ILE B 82 6.47 -4.03 -26.15
C ILE B 82 5.59 -5.24 -25.86
N ARG B 83 5.98 -6.02 -24.87
CA ARG B 83 5.15 -7.14 -24.46
C ARG B 83 5.32 -7.26 -22.95
N CYS B 84 4.42 -8.02 -22.32
CA CYS B 84 4.65 -8.44 -20.95
C CYS B 84 5.84 -9.38 -20.92
N TRP B 85 6.74 -9.17 -19.95
CA TRP B 85 8.06 -9.76 -20.01
C TRP B 85 8.16 -10.89 -19.00
N TYR B 86 7.05 -11.12 -18.28
CA TYR B 86 7.04 -12.10 -17.22
C TYR B 86 6.49 -13.43 -17.76
N ASP B 87 7.22 -14.52 -17.52
CA ASP B 87 6.71 -15.83 -17.86
C ASP B 87 5.66 -16.20 -16.81
N LYS B 88 5.27 -17.48 -16.72
CA LYS B 88 4.09 -17.82 -15.94
C LYS B 88 4.43 -17.93 -14.46
N ASP B 89 5.71 -17.93 -14.12
CA ASP B 89 6.06 -18.02 -12.71
C ASP B 89 6.60 -16.68 -12.22
N GLY B 90 6.41 -15.64 -13.03
CA GLY B 90 6.77 -14.27 -12.65
C GLY B 90 8.20 -13.88 -13.01
N ARG B 91 8.90 -14.68 -13.86
CA ARG B 91 10.29 -14.41 -14.17
C ARG B 91 10.43 -13.78 -15.54
N LEU B 92 11.38 -12.86 -15.69
CA LEU B 92 11.62 -12.25 -16.99
C LEU B 92 11.87 -13.35 -18.02
N LEU B 93 11.36 -13.16 -19.25
CA LEU B 93 11.66 -14.02 -20.39
C LEU B 93 13.17 -14.00 -20.64
N GLN B 94 13.66 -15.12 -21.19
CA GLN B 94 15.08 -15.34 -21.45
C GLN B 94 15.61 -14.30 -22.43
N GLU B 95 14.74 -13.78 -23.30
CA GLU B 95 15.19 -12.81 -24.28
C GLU B 95 15.11 -11.39 -23.73
N PHE B 96 14.72 -11.23 -22.47
CA PHE B 96 14.68 -9.90 -21.88
C PHE B 96 16.01 -9.18 -22.10
N ASN B 97 15.92 -7.96 -22.64
CA ASN B 97 17.11 -7.14 -22.82
C ASN B 97 17.71 -6.78 -21.46
N LYS B 98 18.72 -7.55 -21.04
CA LYS B 98 19.41 -7.35 -19.76
C LYS B 98 20.36 -6.16 -19.81
N ILE B 99 20.74 -5.70 -21.03
CA ILE B 99 21.67 -4.59 -21.21
C ILE B 99 20.93 -3.26 -21.09
N GLU B 100 19.84 -3.10 -21.87
CA GLU B 100 19.00 -1.91 -21.84
C GLU B 100 17.56 -2.32 -21.54
N PRO B 101 17.22 -2.66 -20.27
CA PRO B 101 15.88 -3.17 -19.97
C PRO B 101 14.87 -2.13 -20.40
N PRO B 102 13.74 -2.54 -21.01
CA PRO B 102 12.67 -1.61 -21.33
C PRO B 102 11.88 -1.27 -20.06
N LEU B 103 11.16 -0.14 -20.11
CA LEU B 103 10.28 0.25 -19.01
C LEU B 103 9.15 -0.76 -18.93
N ILE B 104 8.90 -1.28 -17.72
CA ILE B 104 7.82 -2.23 -17.48
C ILE B 104 6.60 -1.51 -16.91
N PHE B 105 5.43 -1.68 -17.56
CA PHE B 105 4.18 -1.18 -17.00
C PHE B 105 3.36 -2.35 -16.45
N GLU B 106 3.30 -2.44 -15.11
CA GLU B 106 2.49 -3.47 -14.47
C GLU B 106 1.05 -2.99 -14.46
N CYS B 107 0.13 -3.94 -14.21
CA CYS B 107 -1.29 -3.64 -14.18
C CYS B 107 -1.58 -2.85 -12.91
N ASN B 108 -2.64 -2.05 -12.88
CA ASN B 108 -2.83 -1.11 -11.80
C ASN B 108 -4.31 -1.17 -11.41
N GLN B 109 -4.70 -0.29 -10.49
CA GLN B 109 -6.05 -0.27 -9.94
C GLN B 109 -7.06 0.18 -10.99
N ALA B 110 -6.60 0.69 -12.16
CA ALA B 110 -7.53 1.10 -13.20
C ALA B 110 -7.83 -0.03 -14.20
N CYS B 111 -6.93 -1.03 -14.30
CA CYS B 111 -7.14 -2.19 -15.13
C CYS B 111 -8.42 -2.94 -14.74
N SER B 112 -9.07 -3.52 -15.75
CA SER B 112 -10.22 -4.38 -15.51
C SER B 112 -9.85 -5.72 -14.85
N CYS B 113 -8.59 -6.12 -14.90
CA CYS B 113 -8.19 -7.47 -14.48
C CYS B 113 -8.20 -7.60 -12.95
N TRP B 114 -7.92 -8.82 -12.50
CA TRP B 114 -7.83 -9.17 -11.09
C TRP B 114 -6.43 -8.91 -10.52
N ARG B 115 -6.39 -8.67 -9.21
CA ARG B 115 -5.18 -8.46 -8.44
C ARG B 115 -4.16 -9.55 -8.75
N ASN B 116 -4.62 -10.70 -9.26
CA ASN B 116 -3.68 -11.80 -9.34
C ASN B 116 -3.29 -12.09 -10.79
N CYS B 117 -3.41 -11.10 -11.70
CA CYS B 117 -3.05 -11.33 -13.08
C CYS B 117 -1.54 -11.55 -13.17
N LYS B 118 -1.06 -11.78 -14.40
CA LYS B 118 0.30 -12.21 -14.66
C LYS B 118 1.25 -11.00 -14.69
N ASN B 119 0.68 -9.79 -14.55
CA ASN B 119 1.48 -8.61 -14.80
C ASN B 119 1.54 -7.80 -13.51
N ARG B 120 1.94 -8.47 -12.41
CA ARG B 120 1.98 -7.81 -11.10
C ARG B 120 3.11 -8.31 -10.20
N VAL B 121 4.28 -8.58 -10.77
CA VAL B 121 5.30 -9.27 -10.01
C VAL B 121 5.91 -8.35 -8.94
N VAL B 122 6.35 -7.17 -9.37
CA VAL B 122 7.14 -6.30 -8.49
C VAL B 122 6.22 -5.80 -7.38
N GLN B 123 4.94 -5.57 -7.69
CA GLN B 123 4.01 -4.99 -6.73
C GLN B 123 3.68 -6.03 -5.65
N SER B 124 4.00 -7.31 -5.89
CA SER B 124 3.66 -8.35 -4.93
C SER B 124 4.74 -8.48 -3.88
N GLY B 125 5.87 -7.77 -4.07
CA GLY B 125 6.92 -7.69 -3.05
C GLY B 125 7.89 -8.89 -3.04
N ILE B 126 8.65 -9.02 -1.95
CA ILE B 126 9.79 -9.94 -1.87
C ILE B 126 9.27 -11.36 -1.64
N LYS B 127 9.84 -12.31 -2.39
CA LYS B 127 9.45 -13.70 -2.23
C LYS B 127 10.69 -14.53 -1.90
N VAL B 128 11.86 -14.14 -2.43
CA VAL B 128 13.03 -14.95 -2.17
C VAL B 128 13.53 -14.67 -0.76
N ARG B 129 14.25 -15.64 -0.19
CA ARG B 129 14.78 -15.53 1.16
C ARG B 129 16.19 -14.96 1.07
N LEU B 130 16.39 -13.84 1.78
CA LEU B 130 17.59 -13.01 1.72
C LEU B 130 18.16 -12.92 3.12
N GLN B 131 19.44 -12.56 3.21
CA GLN B 131 20.01 -12.39 4.54
C GLN B 131 21.00 -11.24 4.47
N LEU B 132 20.91 -10.34 5.46
CA LEU B 132 21.93 -9.33 5.70
C LEU B 132 23.10 -9.94 6.50
N TYR B 133 24.32 -9.76 6.01
CA TYR B 133 25.46 -10.41 6.66
C TYR B 133 26.69 -9.52 6.58
N ARG B 134 27.66 -9.78 7.44
CA ARG B 134 28.86 -8.96 7.49
C ARG B 134 29.88 -9.55 6.54
N THR B 135 30.30 -8.80 5.52
CA THR B 135 31.24 -9.35 4.54
C THR B 135 32.67 -9.17 5.07
N ALA B 136 33.63 -9.80 4.40
CA ALA B 136 35.03 -9.71 4.77
C ALA B 136 35.53 -8.26 4.63
N LYS B 137 35.24 -7.61 3.51
CA LYS B 137 35.93 -6.35 3.27
C LYS B 137 34.98 -5.23 2.85
N MET B 138 33.66 -5.49 2.79
CA MET B 138 32.78 -4.50 2.19
C MET B 138 31.65 -4.12 3.16
N GLY B 139 31.93 -4.09 4.47
CA GLY B 139 30.87 -3.86 5.42
C GLY B 139 29.74 -4.88 5.28
N TRP B 140 28.49 -4.43 5.53
CA TRP B 140 27.32 -5.28 5.35
C TRP B 140 27.10 -5.56 3.86
N GLY B 141 26.62 -6.78 3.57
CA GLY B 141 26.14 -7.16 2.26
C GLY B 141 24.86 -8.02 2.36
N VAL B 142 24.28 -8.37 1.22
CA VAL B 142 23.05 -9.15 1.20
C VAL B 142 23.31 -10.41 0.38
N ARG B 143 22.95 -11.58 0.92
CA ARG B 143 23.10 -12.81 0.15
C ARG B 143 21.80 -13.61 0.12
N ALA B 144 21.77 -14.59 -0.79
CA ALA B 144 20.66 -15.50 -0.99
C ALA B 144 20.73 -16.66 0.00
N LEU B 145 19.58 -17.00 0.61
CA LEU B 145 19.50 -18.20 1.43
C LEU B 145 18.98 -19.40 0.62
N GLN B 146 18.86 -19.26 -0.70
CA GLN B 146 18.27 -20.28 -1.56
C GLN B 146 18.78 -19.99 -2.98
N THR B 147 18.62 -20.93 -3.91
CA THR B 147 19.01 -20.68 -5.30
C THR B 147 17.93 -19.81 -5.91
N ILE B 148 18.32 -18.92 -6.83
CA ILE B 148 17.38 -18.02 -7.49
C ILE B 148 17.58 -18.12 -8.99
N PRO B 149 16.62 -18.73 -9.71
CA PRO B 149 16.66 -18.76 -11.17
C PRO B 149 16.82 -17.38 -11.81
N GLN B 150 17.52 -17.35 -12.96
CA GLN B 150 17.58 -16.16 -13.78
C GLN B 150 16.19 -15.53 -13.95
N GLY B 151 16.16 -14.18 -14.07
CA GLY B 151 14.97 -13.39 -14.29
C GLY B 151 13.98 -13.27 -13.11
N THR B 152 14.36 -13.68 -11.90
CA THR B 152 13.46 -13.63 -10.76
C THR B 152 13.55 -12.25 -10.07
N PHE B 153 12.42 -11.70 -9.64
CA PHE B 153 12.38 -10.45 -8.90
C PHE B 153 12.92 -10.67 -7.50
N ILE B 154 13.87 -9.82 -7.12
CA ILE B 154 14.58 -9.93 -5.86
C ILE B 154 14.02 -8.95 -4.81
N CYS B 155 14.18 -7.64 -5.05
CA CYS B 155 13.66 -6.60 -4.17
C CYS B 155 13.71 -5.29 -4.94
N GLU B 156 13.07 -4.27 -4.35
CA GLU B 156 13.05 -2.96 -4.98
C GLU B 156 14.08 -2.08 -4.27
N TYR B 157 14.69 -1.12 -5.00
CA TYR B 157 15.51 -0.10 -4.36
C TYR B 157 14.61 1.00 -3.79
N VAL B 158 14.40 0.98 -2.46
CA VAL B 158 13.42 1.81 -1.80
C VAL B 158 14.15 2.88 -0.99
N GLY B 159 13.59 4.08 -0.97
CA GLY B 159 14.25 5.16 -0.28
C GLY B 159 13.41 6.42 -0.23
N GLU B 160 14.09 7.52 0.08
CA GLU B 160 13.51 8.84 0.12
C GLU B 160 13.71 9.43 -1.27
N LEU B 161 12.60 9.86 -1.91
CA LEU B 161 12.66 10.51 -3.21
C LEU B 161 13.10 11.95 -3.00
N ILE B 162 14.14 12.35 -3.72
CA ILE B 162 14.65 13.70 -3.63
C ILE B 162 14.98 14.24 -5.02
N SER B 163 15.05 15.58 -5.09
CA SER B 163 15.28 16.29 -6.34
C SER B 163 16.78 16.37 -6.56
N ASP B 164 17.11 16.62 -7.80
CA ASP B 164 18.44 16.94 -8.30
C ASP B 164 19.18 17.89 -7.34
N ALA B 165 18.56 19.02 -7.00
CA ALA B 165 19.13 20.06 -6.15
C ALA B 165 19.36 19.53 -4.74
N GLU B 166 18.41 18.72 -4.22
CA GLU B 166 18.56 18.22 -2.86
C GLU B 166 19.73 17.23 -2.81
N ALA B 167 19.90 16.46 -3.88
CA ALA B 167 20.98 15.49 -3.98
C ALA B 167 22.32 16.20 -3.96
N ASP B 168 22.36 17.40 -4.59
CA ASP B 168 23.59 18.16 -4.76
C ASP B 168 24.20 18.44 -3.38
N VAL B 169 23.36 18.58 -2.37
CA VAL B 169 23.82 19.01 -1.06
C VAL B 169 23.63 17.94 0.03
N ARG B 170 23.27 16.70 -0.33
CA ARG B 170 23.27 15.63 0.67
C ARG B 170 24.72 15.36 1.09
N GLU B 171 24.96 15.33 2.40
CA GLU B 171 26.31 15.13 2.89
C GLU B 171 26.86 13.78 2.41
N ASP B 172 26.09 12.71 2.63
CA ASP B 172 26.49 11.37 2.24
C ASP B 172 25.87 11.03 0.88
N ASP B 173 26.72 10.63 -0.06
CA ASP B 173 26.23 10.36 -1.40
C ASP B 173 26.32 8.86 -1.67
N SER B 174 26.37 8.06 -0.59
CA SER B 174 26.74 6.65 -0.71
C SER B 174 25.56 5.78 -1.14
N TYR B 175 24.35 6.33 -1.04
CA TYR B 175 23.15 5.51 -1.12
C TYR B 175 22.16 6.13 -2.11
N LEU B 176 22.69 6.78 -3.16
CA LEU B 176 21.82 7.45 -4.14
C LEU B 176 21.57 6.49 -5.31
N PHE B 177 20.32 6.44 -5.78
CA PHE B 177 19.99 5.78 -7.05
C PHE B 177 19.34 6.78 -8.00
N ASP B 178 19.88 6.91 -9.23
CA ASP B 178 19.40 7.89 -10.19
C ASP B 178 18.18 7.37 -10.94
N LEU B 179 17.10 8.16 -10.94
CA LEU B 179 15.84 7.80 -11.59
C LEU B 179 15.85 8.31 -13.03
N ASP B 180 15.92 7.38 -13.99
CA ASP B 180 16.26 7.79 -15.34
C ASP B 180 15.03 8.14 -16.18
N ASN B 181 15.14 9.31 -16.84
CA ASN B 181 14.28 9.76 -17.93
C ASN B 181 14.78 11.14 -18.40
N GLY B 184 15.77 16.72 -18.17
CA GLY B 184 15.46 18.03 -17.58
C GLY B 184 15.34 17.99 -16.05
N GLU B 185 14.11 17.79 -15.56
CA GLU B 185 13.90 17.67 -14.12
C GLU B 185 14.00 16.20 -13.74
N VAL B 186 15.01 15.90 -12.92
CA VAL B 186 15.30 14.51 -12.57
C VAL B 186 15.40 14.39 -11.06
N TYR B 187 15.24 13.14 -10.61
CA TYR B 187 15.12 12.84 -9.21
C TYR B 187 16.03 11.66 -8.88
N CYS B 188 16.30 11.50 -7.57
CA CYS B 188 17.05 10.37 -7.07
C CYS B 188 16.25 9.68 -5.98
N ILE B 189 16.56 8.39 -5.77
CA ILE B 189 16.26 7.79 -4.48
C ILE B 189 17.49 7.89 -3.60
N ASP B 190 17.28 8.39 -2.38
CA ASP B 190 18.35 8.38 -1.41
C ASP B 190 17.97 7.42 -0.29
N ALA B 191 18.78 6.37 -0.08
CA ALA B 191 18.44 5.41 0.97
C ALA B 191 19.24 5.63 2.25
N ARG B 192 19.81 6.84 2.42
CA ARG B 192 20.73 7.06 3.53
C ARG B 192 19.97 7.07 4.85
N TYR B 193 18.86 7.82 4.91
CA TYR B 193 18.11 7.99 6.14
C TYR B 193 16.92 7.06 6.18
N TYR B 194 16.40 6.74 4.99
CA TYR B 194 15.23 5.89 4.89
C TYR B 194 15.50 4.94 3.72
N GLY B 195 15.44 3.62 3.97
CA GLY B 195 15.70 2.66 2.90
C GLY B 195 15.28 1.27 3.32
N ASN B 196 15.37 0.31 2.36
CA ASN B 196 15.01 -1.08 2.63
C ASN B 196 16.27 -1.95 2.54
N ILE B 197 16.07 -3.28 2.43
CA ILE B 197 17.16 -4.22 2.43
C ILE B 197 18.16 -3.85 1.33
N SER B 198 17.66 -3.27 0.24
CA SER B 198 18.51 -3.02 -0.92
C SER B 198 19.60 -1.96 -0.68
N ARG B 199 19.47 -1.17 0.40
CA ARG B 199 20.48 -0.15 0.66
C ARG B 199 21.79 -0.84 1.05
N PHE B 200 21.68 -2.14 1.34
CA PHE B 200 22.88 -2.81 1.81
C PHE B 200 23.50 -3.68 0.73
N ILE B 201 23.01 -3.57 -0.51
CA ILE B 201 23.54 -4.36 -1.61
C ILE B 201 24.79 -3.70 -2.22
N ASN B 202 25.85 -4.49 -2.38
CA ASN B 202 27.20 -4.02 -2.69
C ASN B 202 27.39 -3.95 -4.20
N HIS B 203 28.39 -3.18 -4.65
CA HIS B 203 28.77 -3.18 -6.04
C HIS B 203 29.61 -4.41 -6.34
N LEU B 204 29.32 -5.05 -7.48
CA LEU B 204 30.11 -6.18 -7.95
C LEU B 204 30.47 -5.93 -9.41
N CYS B 205 31.76 -6.05 -9.73
CA CYS B 205 32.18 -5.86 -11.11
C CYS B 205 31.70 -7.04 -11.95
N ASP B 206 31.33 -8.13 -11.28
CA ASP B 206 30.67 -9.24 -11.99
C ASP B 206 29.22 -9.39 -11.52
N PRO B 207 28.26 -8.52 -11.89
CA PRO B 207 26.99 -8.46 -11.15
C PRO B 207 26.07 -9.68 -11.36
N ASN B 208 25.12 -9.90 -10.45
CA ASN B 208 24.15 -10.98 -10.63
C ASN B 208 22.71 -10.43 -10.57
N ILE B 209 22.54 -9.11 -10.48
CA ILE B 209 21.20 -8.54 -10.58
C ILE B 209 21.29 -7.30 -11.48
N ILE B 210 20.18 -6.93 -12.11
CA ILE B 210 20.10 -5.71 -12.89
C ILE B 210 18.91 -4.91 -12.38
N PRO B 211 18.99 -3.57 -12.41
CA PRO B 211 17.84 -2.74 -12.06
C PRO B 211 16.97 -2.57 -13.30
N VAL B 212 15.66 -2.53 -13.06
CA VAL B 212 14.68 -2.31 -14.10
C VAL B 212 13.69 -1.27 -13.58
N ARG B 213 13.31 -0.34 -14.49
CA ARG B 213 12.38 0.73 -14.17
C ARG B 213 10.97 0.22 -14.37
N VAL B 214 10.13 0.40 -13.35
CA VAL B 214 8.80 -0.20 -13.37
C VAL B 214 7.78 0.83 -12.90
N PHE B 215 6.60 0.78 -13.50
CA PHE B 215 5.45 1.55 -13.07
C PHE B 215 4.34 0.63 -12.58
N MET B 216 3.72 1.03 -11.47
CA MET B 216 2.65 0.28 -10.87
C MET B 216 1.44 1.17 -10.62
N LEU B 217 1.33 1.80 -9.43
CA LEU B 217 0.06 2.45 -9.10
C LEU B 217 -0.01 3.84 -9.70
N HIS B 218 1.12 4.41 -10.13
CA HIS B 218 1.15 5.64 -10.91
C HIS B 218 2.02 5.40 -12.15
N GLN B 219 1.90 6.30 -13.14
CA GLN B 219 2.73 6.22 -14.34
C GLN B 219 3.38 7.59 -14.56
N ASP B 220 3.73 8.24 -13.45
CA ASP B 220 4.47 9.49 -13.52
C ASP B 220 5.92 9.17 -13.90
N LEU B 221 6.32 9.52 -15.13
CA LEU B 221 7.58 9.06 -15.71
C LEU B 221 8.81 9.67 -15.02
N ARG B 222 8.62 10.74 -14.23
CA ARG B 222 9.71 11.23 -13.40
C ARG B 222 10.10 10.23 -12.31
N PHE B 223 9.16 9.32 -11.95
CA PHE B 223 9.34 8.53 -10.74
C PHE B 223 9.15 7.04 -11.02
N PRO B 224 9.98 6.43 -11.88
CA PRO B 224 9.99 4.97 -11.99
C PRO B 224 10.43 4.38 -10.65
N ARG B 225 9.96 3.16 -10.40
CA ARG B 225 10.40 2.38 -9.26
C ARG B 225 11.45 1.39 -9.78
N ILE B 226 12.43 1.13 -8.93
CA ILE B 226 13.63 0.43 -9.37
C ILE B 226 13.52 -0.98 -8.80
N ALA B 227 13.42 -1.95 -9.70
CA ALA B 227 13.25 -3.34 -9.29
C ALA B 227 14.52 -4.09 -9.69
N PHE B 228 15.10 -4.87 -8.76
CA PHE B 228 16.20 -5.72 -9.14
C PHE B 228 15.71 -7.12 -9.49
N PHE B 229 16.19 -7.61 -10.64
CA PHE B 229 15.96 -8.99 -11.04
C PHE B 229 17.30 -9.72 -11.15
N SER B 230 17.35 -11.03 -10.89
CA SER B 230 18.61 -11.72 -11.14
C SER B 230 18.88 -11.76 -12.64
N SER B 231 20.13 -11.57 -13.01
CA SER B 231 20.50 -11.59 -14.43
C SER B 231 21.07 -12.96 -14.81
N ARG B 232 21.13 -13.89 -13.85
CA ARG B 232 21.58 -15.25 -14.10
C ARG B 232 21.11 -16.09 -12.93
N ASP B 233 21.24 -17.42 -13.03
CA ASP B 233 20.94 -18.23 -11.86
C ASP B 233 21.93 -17.87 -10.76
N ILE B 234 21.42 -17.81 -9.52
CA ILE B 234 22.23 -17.47 -8.37
C ILE B 234 22.21 -18.66 -7.43
N ARG B 235 23.40 -19.12 -7.05
CA ARG B 235 23.56 -20.25 -6.15
C ARG B 235 23.25 -19.74 -4.75
N THR B 236 22.83 -20.66 -3.86
CA THR B 236 22.60 -20.36 -2.45
C THR B 236 23.85 -19.78 -1.79
N GLY B 237 23.66 -18.71 -1.00
CA GLY B 237 24.79 -18.16 -0.27
C GLY B 237 25.62 -17.16 -1.06
N GLU B 238 25.37 -17.00 -2.36
CA GLU B 238 26.10 -15.99 -3.13
C GLU B 238 25.71 -14.57 -2.68
N GLU B 239 26.69 -13.66 -2.64
CA GLU B 239 26.37 -12.25 -2.38
C GLU B 239 25.64 -11.70 -3.60
N LEU B 240 24.59 -10.89 -3.36
CA LEU B 240 23.96 -10.14 -4.43
C LEU B 240 24.70 -8.83 -4.72
N GLY B 241 24.77 -8.43 -5.99
CA GLY B 241 25.45 -7.19 -6.36
C GLY B 241 25.11 -6.75 -7.79
N PHE B 242 25.12 -5.44 -8.01
CA PHE B 242 24.83 -4.84 -9.30
C PHE B 242 25.97 -3.88 -9.65
N ASP B 243 26.02 -3.48 -10.91
CA ASP B 243 27.07 -2.56 -11.31
C ASP B 243 26.65 -1.15 -10.91
N TYR B 244 27.30 -0.56 -9.89
CA TYR B 244 26.91 0.77 -9.45
C TYR B 244 27.08 1.76 -10.60
N GLY B 245 28.05 1.53 -11.50
CA GLY B 245 28.24 2.47 -12.61
C GLY B 245 29.29 3.56 -12.36
N ASP B 246 29.71 4.22 -13.45
CA ASP B 246 30.84 5.13 -13.42
C ASP B 246 30.57 6.39 -12.59
N ARG B 247 29.31 6.84 -12.51
CA ARG B 247 29.14 8.08 -11.77
C ARG B 247 29.64 7.89 -10.34
N PHE B 248 29.34 6.70 -9.79
CA PHE B 248 29.69 6.41 -8.40
C PHE B 248 31.20 6.26 -8.30
N TRP B 249 31.79 5.47 -9.21
CA TRP B 249 33.19 5.13 -9.07
C TRP B 249 34.11 6.33 -9.39
N ASP B 250 33.69 7.18 -10.34
CA ASP B 250 34.53 8.34 -10.63
C ASP B 250 34.69 9.22 -9.39
N ILE B 251 33.66 9.25 -8.54
CA ILE B 251 33.70 10.05 -7.31
C ILE B 251 34.43 9.33 -6.18
N LYS B 252 34.22 8.01 -6.05
CA LYS B 252 34.59 7.33 -4.81
C LYS B 252 36.01 6.76 -4.89
N SER B 253 36.51 6.54 -6.11
CA SER B 253 37.81 5.92 -6.41
C SER B 253 38.96 6.48 -5.58
N LYS B 254 38.89 7.78 -5.24
CA LYS B 254 39.96 8.43 -4.51
C LYS B 254 39.80 8.28 -3.00
N TYR B 255 38.69 7.69 -2.52
CA TYR B 255 38.54 7.49 -1.08
C TYR B 255 38.75 6.03 -0.70
N PHE B 256 38.44 5.12 -1.64
CA PHE B 256 38.50 3.68 -1.46
C PHE B 256 38.36 3.03 -2.83
N THR B 257 38.70 1.74 -2.90
CA THR B 257 38.67 1.08 -4.19
C THR B 257 37.82 -0.18 -4.03
N CYS B 258 37.57 -0.87 -5.15
CA CYS B 258 36.60 -1.95 -5.13
C CYS B 258 37.23 -3.19 -4.49
N GLN B 259 36.46 -3.91 -3.67
CA GLN B 259 36.98 -5.07 -2.96
C GLN B 259 36.27 -6.33 -3.45
N CYS B 260 35.57 -6.22 -4.58
CA CYS B 260 34.68 -7.28 -5.05
C CYS B 260 35.44 -8.58 -5.29
N GLY B 261 36.75 -8.51 -5.56
CA GLY B 261 37.55 -9.72 -5.60
C GLY B 261 37.47 -10.47 -6.93
N SER B 262 36.69 -9.95 -7.88
CA SER B 262 36.57 -10.62 -9.17
C SER B 262 37.87 -10.55 -9.97
N GLU B 263 38.09 -11.58 -10.79
CA GLU B 263 39.08 -11.59 -11.85
C GLU B 263 38.83 -10.41 -12.77
N LYS B 264 37.56 -10.01 -12.85
CA LYS B 264 37.11 -9.05 -13.85
C LYS B 264 37.00 -7.63 -13.27
N CYS B 265 37.34 -7.45 -11.99
CA CYS B 265 37.16 -6.18 -11.29
C CYS B 265 37.83 -5.06 -12.07
N LYS B 266 37.13 -3.96 -12.28
CA LYS B 266 37.73 -2.84 -12.99
C LYS B 266 37.81 -1.62 -12.07
N HIS B 267 37.71 -1.83 -10.75
CA HIS B 267 37.68 -0.64 -9.92
C HIS B 267 38.60 -0.81 -8.71
N SER B 268 39.36 -1.91 -8.73
CA SER B 268 40.34 -2.16 -7.68
C SER B 268 41.51 -1.17 -7.78
N ALA B 269 42.26 -1.09 -6.68
CA ALA B 269 43.49 -0.33 -6.66
C ALA B 269 44.39 -0.78 -7.82
N GLU B 270 44.44 -2.09 -8.08
CA GLU B 270 45.29 -2.65 -9.13
C GLU B 270 44.79 -2.23 -10.52
N ALA B 271 43.47 -2.33 -10.73
CA ALA B 271 42.89 -2.03 -12.02
C ALA B 271 43.11 -0.56 -12.39
N ILE B 272 43.07 0.30 -11.38
CA ILE B 272 43.14 1.74 -11.57
C ILE B 272 44.58 2.15 -11.87
N ALA B 273 45.53 1.49 -11.20
CA ALA B 273 46.95 1.75 -11.40
C ALA B 273 47.39 1.26 -12.78
N LEU B 274 46.91 0.06 -13.20
CA LEU B 274 47.20 -0.44 -14.54
C LEU B 274 46.65 0.53 -15.58
N GLU B 275 45.53 1.17 -15.25
CA GLU B 275 44.85 2.07 -16.18
C GLU B 275 45.54 3.43 -16.24
N GLN B 276 45.85 4.01 -15.07
CA GLN B 276 46.55 5.27 -14.98
C GLN B 276 47.90 5.19 -15.69
N SER B 277 48.45 3.96 -15.80
CA SER B 277 49.74 3.78 -16.43
C SER B 277 49.62 3.42 -17.91
N ARG B 278 48.60 2.64 -18.28
CA ARG B 278 48.29 2.43 -19.69
C ARG B 278 47.92 3.76 -20.37
N LEU B 279 48.07 4.88 -19.63
CA LEU B 279 47.78 6.23 -20.14
C LEU B 279 49.00 7.13 -19.85
ZN ZN C . 2.96 0.44 16.97
ZN ZN D . 3.24 4.20 16.66
ZN ZN E . 3.70 2.48 20.00
ZN ZN F . -35.64 3.60 8.78
N SAM G . -28.73 0.15 -2.03
CA SAM G . -27.65 0.85 -2.76
C SAM G . -27.40 0.13 -4.08
O SAM G . -28.19 -0.80 -4.38
OXT SAM G . -26.42 0.52 -4.76
CB SAM G . -26.35 0.85 -1.94
CG SAM G . -26.29 1.90 -0.86
SD SAM G . -26.03 3.49 -1.72
CE SAM G . -24.69 4.24 -0.81
C5' SAM G . -27.40 4.52 -1.07
C4' SAM G . -28.76 4.36 -1.77
O4' SAM G . -29.36 3.09 -1.40
C3' SAM G . -29.82 5.38 -1.35
O3' SAM G . -29.75 6.62 -2.03
C2' SAM G . -31.10 4.63 -1.72
O2' SAM G . -31.21 4.52 -3.13
C1' SAM G . -30.74 3.27 -1.14
N9 SAM G . -31.01 3.13 0.30
C8 SAM G . -30.08 2.93 1.29
N7 SAM G . -30.58 2.81 2.49
C5 SAM G . -31.95 2.93 2.30
C6 SAM G . -33.04 2.87 3.20
N6 SAM G . -32.90 2.69 4.52
N1 SAM G . -34.29 3.01 2.68
C2 SAM G . -34.41 3.18 1.36
N3 SAM G . -33.47 3.27 0.43
C4 SAM G . -32.23 3.11 0.96
N N47 H . -22.47 19.26 -1.84
O1 N47 H . -26.92 12.85 0.40
C N47 H . -23.67 18.63 -2.37
C12 N47 H . -23.03 7.92 3.38
C11 N47 H . -22.18 6.99 2.51
C10 N47 H . -23.18 6.61 1.43
C9 N47 H . -24.29 7.68 1.50
N3 N47 H . -23.84 8.70 2.44
C8 N47 H . -24.95 9.44 3.06
C7 N47 H . -24.36 10.43 4.11
C6 N47 H . -24.13 11.85 3.56
O N47 H . -24.96 12.04 2.42
C5 N47 H . -24.92 13.25 1.71
C4 N47 H . -23.83 14.10 2.01
C13 N47 H . -25.87 13.68 0.72
C14 N47 H . -27.92 13.24 -0.55
C15 N47 H . -25.70 14.93 0.08
C16 N47 H . -24.61 15.76 0.40
C3 N47 H . -23.66 15.34 1.36
N2 N47 H . -22.58 16.16 1.68
C2 N47 H . -21.99 17.24 1.03
N1 N47 H . -22.54 17.72 -0.08
N4 N47 H . -20.92 17.74 1.63
C17 N47 H . -20.29 18.80 1.04
C18 N47 H . -19.05 19.35 1.73
C19 N47 H . -20.77 19.37 -0.13
C1 N47 H . -21.92 18.76 -0.67
ZN ZN I . -3.57 -7.38 -15.42
ZN ZN J . -3.36 -3.87 -17.01
ZN ZN K . -4.19 -6.78 -19.11
ZN ZN L . 35.35 -4.85 -8.43
N SAM M . 28.41 -2.36 2.56
CA SAM M . 27.51 -1.18 2.67
C SAM M . 27.17 -0.97 4.15
O SAM M . 27.83 -1.62 4.95
OXT SAM M . 26.26 -0.18 4.42
CB SAM M . 26.22 -1.36 1.85
CG SAM M . 26.31 -0.81 0.43
SD SAM M . 26.12 1.02 0.42
CE SAM M . 24.87 1.19 -0.82
C5' SAM M . 27.55 1.45 -0.62
C4' SAM M . 28.86 1.51 0.14
O4' SAM M . 29.31 0.16 0.45
C3' SAM M . 30.02 2.10 -0.66
O3' SAM M . 29.97 3.53 -0.61
C2' SAM M . 31.20 1.46 0.06
O2' SAM M . 31.29 1.97 1.37
C1' SAM M . 30.69 0.03 0.19
N9 SAM M . 30.91 -0.80 -1.01
C8 SAM M . 29.93 -1.24 -1.86
N7 SAM M . 30.40 -1.96 -2.85
C5 SAM M . 31.77 -2.01 -2.65
C6 SAM M . 32.82 -2.61 -3.37
N6 SAM M . 32.64 -3.33 -4.49
N1 SAM M . 34.08 -2.44 -2.89
C2 SAM M . 34.24 -1.71 -1.78
N3 SAM M . 33.33 -1.10 -1.02
C4 SAM M . 32.10 -1.29 -1.50
N N47 N . 24.12 15.28 -6.98
O1 N47 N . 27.94 8.11 -5.94
C N47 N . 25.28 14.73 -6.29
C12 N47 N . 23.31 2.98 -6.18
C11 N47 N . 22.53 2.73 -4.87
C10 N47 N . 23.67 2.54 -3.87
C9 N47 N . 24.86 3.37 -4.42
N3 N47 N . 24.43 3.84 -5.76
C8 N47 N . 25.54 3.86 -6.73
C7 N47 N . 25.15 4.50 -8.09
C6 N47 N . 24.73 5.98 -8.03
O N47 N . 25.80 6.71 -7.40
C5 N47 N . 25.89 8.08 -7.32
C4 N47 N . 24.89 8.81 -8.01
C13 N47 N . 26.95 8.79 -6.61
C14 N47 N . 28.84 8.81 -5.07
C15 N47 N . 26.92 10.21 -6.61
C16 N47 N . 25.90 10.92 -7.32
C3 N47 N . 24.86 10.24 -8.01
N2 N47 N . 23.85 10.95 -8.67
C2 N47 N . 23.31 12.26 -8.61
N1 N47 N . 23.91 13.18 -7.85
N4 N47 N . 22.24 12.52 -9.36
C17 N47 N . 21.70 13.78 -9.33
C18 N47 N . 20.47 13.99 -10.19
C19 N47 N . 22.28 14.81 -8.56
C1 N47 N . 23.42 14.43 -7.82
#